data_2Y8U
#
_entry.id   2Y8U
#
_cell.length_a   35.640
_cell.length_b   64.520
_cell.length_c   86.540
_cell.angle_alpha   90.00
_cell.angle_beta   101.16
_cell.angle_gamma   90.00
#
_symmetry.space_group_name_H-M   'P 1 21 1'
#
loop_
_entity.id
_entity.type
_entity.pdbx_description
1 polymer 'CHITIN DEACETYLASE'
2 non-polymer 'PHOSPHATE ION'
3 non-polymer 'COBALT (II) ION'
4 non-polymer 'SODIUM ION'
5 non-polymer 'CHLORIDE ION'
6 water water
#
_entity_poly.entity_id   1
_entity_poly.type   'polypeptide(L)'
_entity_poly.pdbx_seq_one_letter_code
;MAHHHHHHHRSTPLPLVRRVPTGQVITQCTTPNTIALTFDDGPSEYTPQLLDLLSRYSARATFFVLGDAAAQNPGLLQRM
RDEGHQVGAHTYDHVSLPSLGYDGIASQMTRLEEVIRPALGVAPAYMRPPYLETNELVLQVMRDLDYRVISASVDTKDYE
NQDADAIINTSFQLFLDQLDAGGNIVLAHDIHYWTVASLAERMLQEVNARGLIATTVGDCLGDGEIAWYH
;
_entity_poly.pdbx_strand_id   A,B
#
# COMPACT_ATOMS: atom_id res chain seq x y z
N VAL A 20 12.60 -2.39 28.36
CA VAL A 20 11.94 -1.86 27.11
C VAL A 20 10.45 -1.62 27.38
N PRO A 21 9.99 -0.35 27.33
CA PRO A 21 8.56 -0.13 27.64
C PRO A 21 7.62 -0.75 26.58
N THR A 22 6.44 -1.15 27.05
CA THR A 22 5.33 -1.64 26.22
C THR A 22 4.40 -0.44 25.95
N GLY A 23 3.57 -0.53 24.88
CA GLY A 23 2.58 0.52 24.52
C GLY A 23 3.15 1.93 24.39
N GLN A 24 4.39 1.99 23.91
CA GLN A 24 5.07 3.23 23.61
C GLN A 24 5.83 3.10 22.27
N VAL A 25 5.49 3.94 21.28
CA VAL A 25 6.14 3.97 19.95
C VAL A 25 7.67 4.03 20.04
N ILE A 26 8.33 3.00 19.54
CA ILE A 26 9.79 3.03 19.52
C ILE A 26 10.25 3.16 18.04
N THR A 27 11.13 4.13 17.75
CA THR A 27 11.63 4.41 16.40
C THR A 27 13.17 4.31 16.28
N GLN A 28 13.91 4.34 17.38
CA GLN A 28 15.39 4.39 17.41
C GLN A 28 15.96 3.26 18.26
N CYS A 29 16.99 2.56 17.78
CA CYS A 29 17.80 1.63 18.60
C CYS A 29 18.45 2.36 19.79
N THR A 30 18.77 1.62 20.85
CA THR A 30 19.41 2.31 21.95
C THR A 30 20.84 1.77 22.12
N THR A 31 21.19 0.69 21.44
CA THR A 31 22.61 0.18 21.46
C THR A 31 23.49 0.88 20.37
N PRO A 32 24.67 1.45 20.76
CA PRO A 32 25.60 2.10 19.82
C PRO A 32 26.03 1.16 18.67
N ASN A 33 26.12 1.72 17.47
CA ASN A 33 26.68 0.96 16.32
C ASN A 33 25.79 -0.19 15.82
N THR A 34 24.50 -0.18 16.17
CA THR A 34 23.58 -1.19 15.72
C THR A 34 22.58 -0.61 14.67
N ILE A 35 22.07 -1.48 13.82
CA ILE A 35 20.98 -1.06 12.92
C ILE A 35 20.03 -2.27 12.84
N ALA A 36 18.72 -1.99 12.86
CA ALA A 36 17.74 -3.04 12.88
C ALA A 36 17.10 -3.03 11.50
N LEU A 37 17.49 -4.00 10.69
CA LEU A 37 16.80 -4.26 9.41
C LEU A 37 15.53 -4.99 9.70
N THR A 38 14.41 -4.41 9.29
CA THR A 38 13.15 -5.03 9.63
C THR A 38 12.31 -5.17 8.36
N PHE A 39 11.52 -6.28 8.30
CA PHE A 39 10.79 -6.61 7.06
C PHE A 39 9.32 -6.96 7.42
N ASP A 40 8.39 -6.19 6.85
CA ASP A 40 6.99 -6.40 7.14
C ASP A 40 6.26 -7.22 6.04
N ASP A 41 5.14 -7.81 6.49
CA ASP A 41 4.01 -8.33 5.70
C ASP A 41 4.27 -9.79 5.23
N GLY A 42 5.40 -10.37 5.59
CA GLY A 42 5.62 -11.74 5.29
C GLY A 42 5.12 -12.72 6.31
N PRO A 43 5.57 -13.98 6.19
CA PRO A 43 6.55 -14.43 5.20
C PRO A 43 6.01 -14.58 3.77
N SER A 44 6.92 -14.55 2.81
CA SER A 44 6.51 -14.60 1.40
C SER A 44 7.39 -15.55 0.62
N GLU A 45 7.11 -15.71 -0.66
CA GLU A 45 7.97 -16.61 -1.47
C GLU A 45 9.42 -16.10 -1.57
N TYR A 46 9.68 -14.83 -1.19
CA TYR A 46 11.05 -14.27 -1.31
C TYR A 46 11.82 -14.32 0.01
N THR A 47 11.12 -14.55 1.10
CA THR A 47 11.76 -14.75 2.39
C THR A 47 12.92 -15.73 2.46
N PRO A 48 12.81 -16.95 1.84
CA PRO A 48 13.94 -17.85 1.87
C PRO A 48 15.25 -17.22 1.26
N GLN A 49 15.16 -16.57 0.11
CA GLN A 49 16.36 -15.97 -0.50
C GLN A 49 16.85 -14.85 0.44
N LEU A 50 15.94 -14.07 0.99
CA LEU A 50 16.38 -13.04 1.97
C LEU A 50 17.14 -13.61 3.21
N LEU A 51 16.67 -14.71 3.82
CA LEU A 51 17.40 -15.33 4.95
C LEU A 51 18.78 -15.79 4.56
N ASP A 52 18.91 -16.39 3.36
CA ASP A 52 20.24 -16.81 2.89
C ASP A 52 21.16 -15.61 2.75
N LEU A 53 20.63 -14.56 2.15
CA LEU A 53 21.41 -13.33 1.99
C LEU A 53 21.86 -12.75 3.36
N LEU A 54 20.94 -12.64 4.32
CA LEU A 54 21.31 -12.18 5.67
C LEU A 54 22.42 -13.03 6.37
N SER A 55 22.34 -14.35 6.27
CA SER A 55 23.30 -15.19 6.96
C SER A 55 24.68 -15.00 6.34
N ARG A 56 24.70 -14.68 5.07
CA ARG A 56 25.92 -14.42 4.39
C ARG A 56 26.68 -13.25 5.01
N TYR A 57 25.95 -12.26 5.53
CA TYR A 57 26.53 -11.07 6.12
C TYR A 57 26.56 -11.14 7.65
N SER A 58 26.37 -12.33 8.22
CA SER A 58 26.15 -12.49 9.68
C SER A 58 25.16 -11.46 10.23
N ALA A 59 24.13 -11.15 9.46
CA ALA A 59 23.18 -10.13 9.86
C ALA A 59 21.92 -10.81 10.39
N ARG A 60 21.41 -10.28 11.49
CA ARG A 60 20.16 -10.76 12.06
C ARG A 60 19.06 -9.74 11.83
N ALA A 61 17.91 -10.18 11.32
CA ALA A 61 16.85 -9.19 11.06
C ALA A 61 15.56 -9.46 11.92
N THR A 62 14.52 -8.65 11.71
CA THR A 62 13.26 -8.81 12.42
C THR A 62 12.16 -8.84 11.37
N PHE A 63 11.30 -9.87 11.47
CA PHE A 63 10.24 -10.06 10.53
C PHE A 63 8.93 -9.83 11.27
N PHE A 64 8.22 -8.78 10.87
CA PHE A 64 6.92 -8.54 11.44
C PHE A 64 5.86 -9.16 10.52
N VAL A 65 5.32 -10.30 10.97
CA VAL A 65 4.57 -11.17 10.12
C VAL A 65 3.05 -11.00 10.22
N LEU A 66 2.36 -11.46 9.16
CA LEU A 66 0.88 -11.40 9.01
C LEU A 66 0.23 -12.77 9.22
N GLY A 67 -1.08 -12.75 9.48
CA GLY A 67 -1.83 -13.94 9.91
C GLY A 67 -1.74 -15.10 8.92
N ASP A 68 -2.33 -14.90 7.74
CA ASP A 68 -2.44 -15.96 6.72
C ASP A 68 -1.08 -16.43 6.25
N ALA A 69 -0.17 -15.48 6.03
CA ALA A 69 1.20 -15.76 5.65
C ALA A 69 1.87 -16.63 6.74
N ALA A 70 1.80 -16.21 8.05
CA ALA A 70 2.32 -17.05 9.13
C ALA A 70 1.64 -18.45 9.19
N ALA A 71 0.31 -18.52 9.14
CA ALA A 71 -0.42 -19.82 9.18
C ALA A 71 0.11 -20.72 8.11
N GLN A 72 0.37 -20.17 6.94
CA GLN A 72 0.70 -20.96 5.82
C GLN A 72 2.17 -21.32 5.81
N ASN A 73 3.00 -20.62 6.59
CA ASN A 73 4.45 -20.77 6.44
C ASN A 73 5.15 -21.03 7.76
N PRO A 74 4.77 -22.11 8.47
CA PRO A 74 5.30 -22.23 9.83
C PRO A 74 6.78 -22.56 9.79
N GLY A 75 7.23 -23.17 8.68
CA GLY A 75 8.65 -23.52 8.48
C GLY A 75 9.53 -22.30 8.38
N LEU A 76 9.03 -21.28 7.67
CA LEU A 76 9.78 -20.01 7.55
C LEU A 76 9.92 -19.37 8.92
N LEU A 77 8.84 -19.37 9.70
CA LEU A 77 8.96 -18.87 11.09
C LEU A 77 10.08 -19.52 11.89
N GLN A 78 10.13 -20.86 11.77
CA GLN A 78 11.12 -21.60 12.42
C GLN A 78 12.48 -21.31 11.86
N ARG A 79 12.62 -21.28 10.54
CA ARG A 79 13.93 -20.85 9.98
C ARG A 79 14.32 -19.46 10.53
N MET A 80 13.39 -18.51 10.58
CA MET A 80 13.74 -17.23 11.22
C MET A 80 14.37 -17.41 12.61
N ARG A 81 13.66 -18.07 13.53
CA ARG A 81 14.25 -18.28 14.90
C ARG A 81 15.54 -19.10 14.91
N ASP A 82 15.53 -20.24 14.22
CA ASP A 82 16.71 -21.09 14.22
C ASP A 82 17.90 -20.31 13.71
N GLU A 83 17.67 -19.29 12.85
CA GLU A 83 18.83 -18.65 12.22
C GLU A 83 19.21 -17.34 12.91
N GLY A 84 18.66 -17.09 14.11
CA GLY A 84 19.07 -15.93 14.86
C GLY A 84 18.17 -14.68 14.61
N HIS A 85 17.11 -14.77 13.81
CA HIS A 85 16.26 -13.62 13.52
C HIS A 85 15.12 -13.49 14.55
N GLN A 86 14.44 -12.34 14.58
CA GLN A 86 13.40 -12.16 15.56
C GLN A 86 12.07 -12.15 14.79
N VAL A 87 11.11 -12.96 15.23
CA VAL A 87 9.71 -12.87 14.71
C VAL A 87 8.86 -11.92 15.57
N GLY A 88 8.37 -10.89 14.93
CA GLY A 88 7.47 -9.97 15.60
C GLY A 88 6.08 -10.04 14.94
N ALA A 89 5.13 -9.32 15.55
CA ALA A 89 3.72 -9.41 15.16
C ALA A 89 3.37 -8.22 14.29
N HIS A 90 2.52 -8.44 13.30
CA HIS A 90 2.09 -7.36 12.42
C HIS A 90 0.56 -7.34 12.27
N THR A 91 -0.19 -7.93 13.21
CA THR A 91 -1.67 -8.10 13.20
C THR A 91 -2.01 -9.30 12.32
N TYR A 92 -3.21 -9.85 12.42
CA TYR A 92 -3.60 -10.95 11.57
C TYR A 92 -3.87 -10.41 10.13
N ASP A 93 -4.71 -9.37 10.05
CA ASP A 93 -5.36 -8.97 8.78
C ASP A 93 -4.81 -7.70 8.14
N HIS A 94 -3.82 -7.06 8.77
CA HIS A 94 -3.19 -5.84 8.24
C HIS A 94 -4.21 -4.68 8.13
N VAL A 95 -4.95 -4.46 9.21
CA VAL A 95 -5.96 -3.41 9.28
C VAL A 95 -5.32 -2.35 10.16
N SER A 96 -5.43 -1.11 9.74
CA SER A 96 -5.04 0.02 10.55
C SER A 96 -5.76 -0.06 11.93
N LEU A 97 -4.99 -0.20 12.99
CA LEU A 97 -5.54 -0.47 14.32
C LEU A 97 -6.39 0.71 14.91
N PRO A 98 -6.00 2.01 14.65
CA PRO A 98 -6.88 3.09 15.09
C PRO A 98 -8.27 2.99 14.50
N SER A 99 -8.50 2.12 13.52
CA SER A 99 -9.85 1.96 12.95
C SER A 99 -10.75 1.02 13.75
N LEU A 100 -10.19 0.35 14.76
CA LEU A 100 -10.91 -0.63 15.52
C LEU A 100 -11.01 -0.23 17.01
N GLY A 101 -11.97 -0.84 17.66
CA GLY A 101 -12.25 -0.62 19.08
C GLY A 101 -11.38 -1.62 19.83
N TYR A 102 -11.42 -1.50 21.16
CA TYR A 102 -10.60 -2.34 22.04
C TYR A 102 -10.58 -3.82 21.61
N ASP A 103 -11.76 -4.41 21.44
CA ASP A 103 -11.86 -5.85 21.19
C ASP A 103 -11.32 -6.20 19.79
N GLY A 104 -11.57 -5.39 18.81
CA GLY A 104 -11.01 -5.60 17.44
C GLY A 104 -9.46 -5.52 17.41
N ILE A 105 -8.89 -4.55 18.08
CA ILE A 105 -7.43 -4.50 18.18
C ILE A 105 -6.92 -5.75 18.86
N ALA A 106 -7.48 -6.03 20.04
CA ALA A 106 -7.04 -7.20 20.81
C ALA A 106 -7.08 -8.51 19.94
N SER A 107 -8.18 -8.73 19.22
CA SER A 107 -8.37 -9.93 18.42
C SER A 107 -7.36 -10.04 17.24
N GLN A 108 -7.02 -8.88 16.69
CA GLN A 108 -5.98 -8.77 15.66
C GLN A 108 -4.65 -9.29 16.17
N MET A 109 -4.39 -9.12 17.46
CA MET A 109 -3.11 -9.52 17.98
C MET A 109 -3.25 -10.96 18.41
N THR A 110 -4.31 -11.27 19.15
CA THR A 110 -4.43 -12.66 19.69
C THR A 110 -4.66 -13.74 18.63
N ARG A 111 -5.39 -13.39 17.55
CA ARG A 111 -5.51 -14.33 16.41
C ARG A 111 -4.16 -14.62 15.74
N LEU A 112 -3.27 -13.62 15.70
CA LEU A 112 -1.95 -13.84 15.16
C LEU A 112 -1.13 -14.73 16.15
N GLU A 113 -1.17 -14.44 17.45
CA GLU A 113 -0.48 -15.24 18.41
C GLU A 113 -0.86 -16.69 18.28
N GLU A 114 -2.15 -16.95 18.11
CA GLU A 114 -2.62 -18.35 18.06
C GLU A 114 -2.15 -19.10 16.76
N VAL A 115 -1.73 -18.37 15.73
CA VAL A 115 -1.19 -19.05 14.54
C VAL A 115 0.38 -19.11 14.59
N ILE A 116 1.00 -18.26 15.43
CA ILE A 116 2.45 -18.37 15.64
C ILE A 116 2.88 -19.40 16.68
N ARG A 117 2.18 -19.48 17.81
CA ARG A 117 2.53 -20.39 18.91
C ARG A 117 2.71 -21.84 18.48
N PRO A 118 1.89 -22.36 17.53
CA PRO A 118 2.08 -23.77 17.11
C PRO A 118 3.41 -24.00 16.34
N ALA A 119 3.89 -22.94 15.67
CA ALA A 119 5.15 -22.99 14.93
C ALA A 119 6.32 -22.81 15.88
N LEU A 120 6.22 -21.84 16.80
CA LEU A 120 7.37 -21.54 17.67
C LEU A 120 7.23 -21.96 19.11
N GLY A 121 6.05 -22.35 19.56
CA GLY A 121 5.96 -22.67 20.99
C GLY A 121 5.83 -21.43 21.84
N VAL A 122 6.00 -20.24 21.24
CA VAL A 122 5.85 -18.91 21.94
C VAL A 122 5.21 -17.91 20.94
N ALA A 123 4.85 -16.71 21.40
CA ALA A 123 4.25 -15.73 20.53
C ALA A 123 5.11 -14.46 20.69
N PRO A 124 5.25 -13.60 19.63
CA PRO A 124 6.04 -12.32 19.77
C PRO A 124 5.56 -11.43 20.92
N ALA A 125 6.46 -10.74 21.59
CA ALA A 125 6.11 -9.65 22.50
C ALA A 125 6.49 -8.24 21.93
N TYR A 126 6.89 -8.23 20.64
CA TYR A 126 7.12 -7.05 19.84
C TYR A 126 6.18 -7.00 18.66
N MET A 127 5.70 -5.84 18.32
CA MET A 127 4.81 -5.76 17.17
C MET A 127 5.07 -4.45 16.42
N ARG A 128 4.67 -4.39 15.15
CA ARG A 128 4.64 -3.15 14.45
C ARG A 128 3.19 -2.87 13.93
N PRO A 129 2.64 -1.68 14.20
CA PRO A 129 1.27 -1.32 13.75
C PRO A 129 1.25 -1.17 12.20
N PRO A 130 0.26 -1.76 11.52
CA PRO A 130 0.11 -1.63 10.07
C PRO A 130 0.04 -0.12 9.75
N TYR A 131 0.78 0.28 8.70
CA TYR A 131 0.85 1.68 8.22
C TYR A 131 1.46 2.61 9.23
N LEU A 132 2.10 2.07 10.25
CA LEU A 132 2.61 2.84 11.38
C LEU A 132 1.57 3.73 12.10
N GLU A 133 0.31 3.33 12.07
CA GLU A 133 -0.78 4.20 12.58
C GLU A 133 -1.08 3.74 14.01
N THR A 134 -0.96 4.68 14.96
CA THR A 134 -1.38 4.36 16.35
C THR A 134 -2.27 5.49 16.88
N ASN A 135 -2.92 5.28 18.02
CA ASN A 135 -3.59 6.37 18.76
C ASN A 135 -3.48 5.91 20.23
N GLU A 136 -4.05 6.68 21.16
CA GLU A 136 -3.90 6.31 22.60
C GLU A 136 -4.55 4.92 22.89
N LEU A 137 -5.67 4.62 22.23
CA LEU A 137 -6.35 3.33 22.41
C LEU A 137 -5.54 2.10 21.94
N VAL A 138 -4.96 2.20 20.75
CA VAL A 138 -4.08 1.11 20.40
C VAL A 138 -2.87 0.98 21.33
N LEU A 139 -2.27 2.09 21.85
CA LEU A 139 -1.13 1.93 22.76
C LEU A 139 -1.60 1.30 24.08
N GLN A 140 -2.83 1.65 24.49
CA GLN A 140 -3.39 1.05 25.71
C GLN A 140 -3.53 -0.48 25.52
N VAL A 141 -4.16 -0.90 24.44
CA VAL A 141 -4.29 -2.36 24.21
C VAL A 141 -2.91 -3.06 24.19
N MET A 142 -1.93 -2.45 23.52
CA MET A 142 -0.58 -3.02 23.44
C MET A 142 0.04 -3.11 24.80
N ARG A 143 -0.12 -2.09 25.63
CA ARG A 143 0.36 -2.22 27.05
C ARG A 143 -0.31 -3.38 27.78
N ASP A 144 -1.62 -3.45 27.67
CA ASP A 144 -2.41 -4.55 28.28
C ASP A 144 -2.01 -5.96 27.77
N LEU A 145 -1.63 -6.08 26.49
CA LEU A 145 -1.25 -7.39 25.91
C LEU A 145 0.25 -7.65 25.98
N ASP A 146 0.95 -6.75 26.66
CA ASP A 146 2.36 -6.92 26.85
C ASP A 146 3.08 -6.86 25.48
N TYR A 147 2.76 -5.84 24.67
CA TYR A 147 3.53 -5.68 23.46
C TYR A 147 4.41 -4.43 23.46
N ARG A 148 5.63 -4.57 22.93
CA ARG A 148 6.48 -3.43 22.56
C ARG A 148 6.14 -3.00 21.15
N VAL A 149 6.02 -1.71 20.96
CA VAL A 149 5.42 -1.16 19.72
C VAL A 149 6.58 -0.50 18.89
N ILE A 150 6.88 -1.09 17.73
CA ILE A 150 8.06 -0.73 16.98
C ILE A 150 7.59 -0.02 15.73
N SER A 151 7.98 1.22 15.58
CA SER A 151 7.74 1.96 14.38
C SER A 151 9.06 1.91 13.53
N ALA A 152 9.49 3.03 12.95
CA ALA A 152 10.71 3.01 12.14
C ALA A 152 11.29 4.40 11.99
N SER A 153 12.62 4.49 11.87
CA SER A 153 13.30 5.77 11.65
C SER A 153 13.92 5.84 10.25
N VAL A 154 13.89 4.73 9.50
CA VAL A 154 14.50 4.77 8.10
C VAL A 154 13.41 4.11 7.30
N ASP A 155 12.56 4.90 6.66
CA ASP A 155 11.53 4.30 5.86
C ASP A 155 11.97 4.20 4.41
N THR A 156 12.18 3.00 3.85
CA THR A 156 12.71 2.90 2.49
C THR A 156 11.66 3.15 1.39
N LYS A 157 10.39 3.23 1.75
CA LYS A 157 9.29 3.32 0.75
C LYS A 157 9.49 2.26 -0.38
N ASP A 158 9.97 1.07 -0.01
CA ASP A 158 10.31 0.08 -1.04
C ASP A 158 9.04 -0.35 -1.82
N TYR A 159 7.88 -0.42 -1.14
CA TYR A 159 6.63 -0.81 -1.78
C TYR A 159 6.22 0.13 -2.95
N GLU A 160 6.65 1.38 -2.90
CA GLU A 160 6.38 2.37 -4.00
C GLU A 160 7.40 2.33 -5.13
N ASN A 161 8.47 1.54 -4.94
CA ASN A 161 9.66 1.64 -5.86
C ASN A 161 10.04 0.31 -6.45
N GLN A 162 9.03 -0.46 -6.79
CA GLN A 162 9.24 -1.83 -7.33
C GLN A 162 9.59 -1.89 -8.82
N ASP A 163 10.79 -1.45 -9.12
CA ASP A 163 11.32 -1.40 -10.48
C ASP A 163 12.83 -1.39 -10.24
N ALA A 164 13.62 -1.90 -11.18
CA ALA A 164 15.06 -2.02 -10.97
C ALA A 164 15.73 -0.65 -10.83
N ASP A 165 15.21 0.39 -11.47
CA ASP A 165 15.79 1.75 -11.26
C ASP A 165 15.27 2.48 -9.99
N ALA A 166 13.95 2.49 -9.85
CA ALA A 166 13.31 3.13 -8.68
C ALA A 166 13.85 2.60 -7.33
N ILE A 167 14.10 1.30 -7.23
CA ILE A 167 14.39 0.72 -5.94
C ILE A 167 15.80 1.24 -5.48
N ILE A 168 16.64 1.64 -6.44
CA ILE A 168 17.96 2.25 -6.14
C ILE A 168 17.79 3.76 -6.05
N ASN A 169 17.24 4.36 -7.10
CA ASN A 169 17.09 5.84 -7.18
C ASN A 169 16.43 6.44 -5.93
N THR A 170 15.42 5.76 -5.44
CA THR A 170 14.70 6.32 -4.31
C THR A 170 14.90 5.50 -3.05
N SER A 171 14.54 4.25 -3.08
CA SER A 171 14.58 3.47 -1.83
C SER A 171 15.97 3.36 -1.24
N PHE A 172 16.96 2.96 -2.05
CA PHE A 172 18.31 2.96 -1.50
C PHE A 172 18.78 4.33 -1.10
N GLN A 173 18.48 5.32 -1.92
CA GLN A 173 18.85 6.70 -1.59
C GLN A 173 18.22 7.18 -0.26
N LEU A 174 16.94 6.92 -0.06
CA LEU A 174 16.28 7.18 1.20
C LEU A 174 16.94 6.48 2.36
N PHE A 175 17.28 5.20 2.15
CA PHE A 175 17.99 4.40 3.15
C PHE A 175 19.31 5.09 3.56
N LEU A 176 20.17 5.43 2.60
CA LEU A 176 21.46 6.15 2.87
C LEU A 176 21.22 7.51 3.52
N ASP A 177 20.26 8.29 3.04
CA ASP A 177 20.03 9.62 3.61
C ASP A 177 19.56 9.50 5.07
N GLN A 178 18.63 8.57 5.35
CA GLN A 178 18.17 8.45 6.71
C GLN A 178 19.15 7.78 7.63
N LEU A 179 19.88 6.79 7.12
CA LEU A 179 20.96 6.21 7.87
C LEU A 179 21.96 7.32 8.27
N ASP A 180 22.39 8.17 7.31
CA ASP A 180 23.32 9.28 7.63
C ASP A 180 22.77 10.26 8.65
N ALA A 181 21.43 10.42 8.65
CA ALA A 181 20.82 11.30 9.62
C ALA A 181 20.64 10.61 10.99
N GLY A 182 21.14 9.36 11.16
CA GLY A 182 21.13 8.72 12.48
C GLY A 182 19.96 7.75 12.72
N GLY A 183 19.13 7.53 11.70
CA GLY A 183 18.05 6.58 11.73
C GLY A 183 18.65 5.16 11.77
N ASN A 184 18.00 4.25 12.50
CA ASN A 184 18.54 2.88 12.66
C ASN A 184 17.57 1.75 12.78
N ILE A 185 16.29 2.05 12.63
CA ILE A 185 15.29 1.00 12.51
C ILE A 185 14.72 1.15 11.12
N VAL A 186 15.11 0.18 10.28
CA VAL A 186 14.85 0.30 8.85
C VAL A 186 13.63 -0.50 8.46
N LEU A 187 12.68 0.18 7.81
CA LEU A 187 11.49 -0.46 7.37
C LEU A 187 11.56 -0.84 5.89
N ALA A 188 11.46 -2.14 5.60
CA ALA A 188 11.19 -2.65 4.20
C ALA A 188 10.19 -3.78 4.23
N HIS A 189 9.82 -4.35 3.07
CA HIS A 189 8.77 -5.41 3.00
C HIS A 189 9.31 -6.56 2.19
N ASP A 190 9.54 -7.72 2.84
CA ASP A 190 10.07 -8.91 2.15
C ASP A 190 9.01 -9.61 1.27
N ILE A 191 7.79 -9.12 1.18
CA ILE A 191 6.85 -9.57 0.16
C ILE A 191 7.13 -9.08 -1.27
N HIS A 192 8.07 -8.16 -1.42
CA HIS A 192 8.27 -7.50 -2.72
C HIS A 192 9.53 -7.98 -3.37
N TYR A 193 9.43 -8.32 -4.67
CA TYR A 193 10.54 -8.84 -5.42
C TYR A 193 11.84 -8.01 -5.37
N TRP A 194 11.71 -6.71 -5.69
CA TRP A 194 12.89 -5.83 -5.79
C TRP A 194 13.52 -5.49 -4.47
N THR A 195 12.73 -5.50 -3.38
CA THR A 195 13.31 -5.43 -2.04
C THR A 195 14.31 -6.55 -1.73
N VAL A 196 13.99 -7.79 -2.12
CA VAL A 196 14.82 -8.91 -1.78
C VAL A 196 15.91 -9.06 -2.87
N ALA A 197 15.53 -8.82 -4.13
CA ALA A 197 16.51 -8.96 -5.27
C ALA A 197 17.55 -7.84 -5.41
N SER A 198 17.29 -6.63 -4.87
CA SER A 198 18.18 -5.54 -5.12
C SER A 198 18.46 -4.68 -3.84
N LEU A 199 17.40 -4.24 -3.16
CA LEU A 199 17.58 -3.38 -1.99
C LEU A 199 18.30 -4.09 -0.83
N ALA A 200 17.91 -5.32 -0.48
CA ALA A 200 18.49 -5.94 0.71
C ALA A 200 20.02 -6.11 0.57
N GLU A 201 20.47 -6.54 -0.60
CA GLU A 201 21.90 -6.60 -0.91
C GLU A 201 22.64 -5.30 -0.81
N ARG A 202 22.06 -4.22 -1.36
CA ARG A 202 22.64 -2.86 -1.24
C ARG A 202 22.68 -2.37 0.21
N MET A 203 21.64 -2.65 0.99
CA MET A 203 21.64 -2.25 2.41
C MET A 203 22.69 -3.06 3.18
N LEU A 204 22.83 -4.36 2.86
CA LEU A 204 23.80 -5.16 3.61
C LEU A 204 25.22 -4.79 3.29
N GLN A 205 25.50 -4.53 2.03
CA GLN A 205 26.83 -4.05 1.67
C GLN A 205 27.21 -2.75 2.41
N GLU A 206 26.21 -1.90 2.59
CA GLU A 206 26.40 -0.62 3.26
C GLU A 206 26.68 -0.87 4.75
N VAL A 207 25.86 -1.72 5.41
CA VAL A 207 26.08 -2.14 6.80
C VAL A 207 27.51 -2.62 7.01
N ASN A 208 27.90 -3.59 6.19
CA ASN A 208 29.20 -4.20 6.25
C ASN A 208 30.24 -3.08 5.99
N ALA A 209 30.09 -2.26 4.96
CA ALA A 209 31.09 -1.22 4.64
C ALA A 209 31.25 -0.28 5.79
N ARG A 210 30.13 0.09 6.44
CA ARG A 210 30.18 1.01 7.54
C ARG A 210 30.58 0.18 8.76
N GLY A 211 30.66 0.66 9.93
CA GLY A 211 31.07 -0.57 10.74
C GLY A 211 29.98 -1.39 11.45
N LEU A 212 28.77 -1.50 10.86
CA LEU A 212 27.58 -1.64 11.68
C LEU A 212 27.23 -3.05 12.05
N ILE A 213 26.63 -3.19 13.22
CA ILE A 213 26.05 -4.45 13.62
C ILE A 213 24.58 -4.56 13.26
N ALA A 214 24.28 -5.39 12.30
CA ALA A 214 22.92 -5.64 11.92
C ALA A 214 22.36 -6.74 12.82
N THR A 215 21.53 -6.31 13.78
CA THR A 215 20.93 -7.25 14.65
C THR A 215 19.42 -7.03 14.77
N THR A 216 18.76 -7.80 15.66
CA THR A 216 17.28 -7.84 15.77
C THR A 216 16.87 -6.58 16.52
N VAL A 217 15.59 -6.22 16.40
CA VAL A 217 15.09 -5.06 17.13
C VAL A 217 15.28 -5.21 18.64
N GLY A 218 15.00 -6.40 19.19
CA GLY A 218 15.10 -6.56 20.66
C GLY A 218 16.53 -6.33 21.12
N ASP A 219 17.46 -6.95 20.38
CA ASP A 219 18.90 -6.82 20.68
C ASP A 219 19.38 -5.34 20.52
N CYS A 220 18.88 -4.64 19.52
CA CYS A 220 19.24 -3.23 19.34
C CYS A 220 18.67 -2.40 20.51
N LEU A 221 17.67 -2.92 21.20
CA LEU A 221 17.07 -2.20 22.36
C LEU A 221 17.56 -2.68 23.70
N GLY A 222 18.55 -3.58 23.70
CA GLY A 222 19.13 -4.08 24.92
C GLY A 222 18.26 -5.10 25.63
N ASP A 223 17.33 -5.69 24.88
CA ASP A 223 16.49 -6.77 25.35
C ASP A 223 17.05 -8.17 25.04
N GLY A 224 17.18 -8.98 26.09
CA GLY A 224 17.54 -10.41 25.98
C GLY A 224 16.48 -11.14 25.20
N GLU A 225 16.92 -12.16 24.47
CA GLU A 225 16.07 -12.89 23.55
C GLU A 225 14.86 -13.45 24.26
N ILE A 226 15.02 -13.71 25.57
CA ILE A 226 13.93 -14.29 26.30
C ILE A 226 12.76 -13.30 26.32
N ALA A 227 13.05 -12.01 26.51
CA ALA A 227 12.01 -11.00 26.50
C ALA A 227 11.38 -10.70 25.11
N TRP A 228 11.80 -11.34 24.01
CA TRP A 228 11.25 -11.00 22.66
C TRP A 228 9.93 -11.73 22.41
N TYR A 229 9.62 -12.70 23.28
CA TYR A 229 8.44 -13.56 23.16
C TYR A 229 7.71 -13.72 24.48
N HIS A 230 6.44 -14.09 24.44
CA HIS A 230 5.65 -14.40 25.66
C HIS A 230 4.58 -15.44 25.40
N ARG B 19 -11.14 21.55 -23.03
CA ARG B 19 -10.19 22.43 -22.31
C ARG B 19 -9.90 21.86 -20.91
N VAL B 20 -9.93 20.53 -20.73
CA VAL B 20 -9.39 19.95 -19.48
C VAL B 20 -7.87 19.91 -19.67
N PRO B 21 -7.11 20.69 -18.86
CA PRO B 21 -5.65 20.80 -19.15
C PRO B 21 -4.92 19.49 -18.87
N THR B 22 -3.82 19.26 -19.59
CA THR B 22 -3.01 18.06 -19.42
C THR B 22 -1.84 18.40 -18.49
N GLY B 23 -1.16 17.40 -17.90
CA GLY B 23 0.00 17.73 -17.01
C GLY B 23 -0.27 18.73 -15.86
N GLN B 24 -1.49 18.76 -15.34
CA GLN B 24 -1.85 19.62 -14.20
C GLN B 24 -2.67 18.72 -13.27
N VAL B 25 -2.28 18.64 -12.00
CA VAL B 25 -2.97 17.79 -11.01
C VAL B 25 -4.39 18.32 -10.76
N ILE B 26 -5.34 17.47 -11.00
CA ILE B 26 -6.74 17.81 -10.89
C ILE B 26 -7.31 17.04 -9.68
N THR B 27 -7.94 17.74 -8.73
CA THR B 27 -8.48 17.08 -7.53
C THR B 27 -10.03 17.18 -7.40
N GLN B 28 -10.66 18.10 -8.14
CA GLN B 28 -12.11 18.42 -8.01
C GLN B 28 -12.87 18.42 -9.33
N CYS B 29 -14.10 17.90 -9.31
CA CYS B 29 -15.06 17.99 -10.42
C CYS B 29 -15.36 19.45 -10.67
N THR B 30 -15.69 19.78 -11.89
CA THR B 30 -16.11 21.14 -12.19
C THR B 30 -17.63 21.20 -12.51
N THR B 31 -18.26 20.11 -12.92
CA THR B 31 -19.73 20.11 -13.19
C THR B 31 -20.44 20.07 -11.83
N PRO B 32 -21.39 21.01 -11.56
CA PRO B 32 -21.96 20.93 -10.19
C PRO B 32 -22.89 19.71 -9.97
N ASN B 33 -23.04 19.30 -8.71
CA ASN B 33 -23.92 18.17 -8.42
C ASN B 33 -23.36 16.82 -8.94
N THR B 34 -22.06 16.76 -9.27
CA THR B 34 -21.51 15.48 -9.70
C THR B 34 -20.47 14.94 -8.72
N ILE B 35 -20.31 13.63 -8.69
CA ILE B 35 -19.27 13.07 -7.88
C ILE B 35 -18.60 12.00 -8.76
N ALA B 36 -17.29 11.81 -8.68
CA ALA B 36 -16.56 10.83 -9.48
C ALA B 36 -16.08 9.75 -8.55
N LEU B 37 -16.78 8.60 -8.52
CA LEU B 37 -16.31 7.41 -7.79
C LEU B 37 -15.22 6.77 -8.68
N THR B 38 -14.00 6.66 -8.13
CA THR B 38 -12.90 6.11 -8.97
C THR B 38 -12.25 4.92 -8.26
N PHE B 39 -11.77 3.94 -9.02
CA PHE B 39 -11.27 2.69 -8.43
C PHE B 39 -9.97 2.38 -9.11
N ASP B 40 -8.91 2.28 -8.32
CA ASP B 40 -7.57 2.03 -8.81
C ASP B 40 -7.16 0.60 -8.63
N ASP B 41 -6.26 0.17 -9.52
CA ASP B 41 -5.38 -0.98 -9.36
C ASP B 41 -5.98 -2.22 -9.99
N GLY B 42 -7.20 -2.13 -10.54
CA GLY B 42 -7.85 -3.28 -11.18
C GLY B 42 -7.47 -3.53 -12.63
N PRO B 43 -8.26 -4.37 -13.33
CA PRO B 43 -9.49 -5.00 -12.83
C PRO B 43 -9.07 -6.24 -11.99
N SER B 44 -9.92 -6.68 -11.08
CA SER B 44 -9.63 -7.84 -10.22
C SER B 44 -10.84 -8.72 -10.37
N GLU B 45 -10.85 -9.82 -9.61
CA GLU B 45 -11.98 -10.75 -9.50
C GLU B 45 -13.21 -10.02 -8.91
N TYR B 46 -13.03 -8.91 -8.19
CA TYR B 46 -14.19 -8.17 -7.68
C TYR B 46 -14.84 -7.12 -8.63
N THR B 47 -14.12 -6.74 -9.68
CA THR B 47 -14.64 -5.72 -10.61
C THR B 47 -16.00 -6.10 -11.27
N PRO B 48 -16.19 -7.35 -11.77
CA PRO B 48 -17.54 -7.69 -12.28
C PRO B 48 -18.70 -7.42 -11.30
N GLN B 49 -18.60 -7.91 -10.06
CA GLN B 49 -19.58 -7.59 -8.97
C GLN B 49 -19.81 -6.10 -8.90
N LEU B 50 -18.70 -5.32 -8.92
CA LEU B 50 -18.74 -3.86 -8.84
C LEU B 50 -19.45 -3.23 -10.01
N LEU B 51 -19.13 -3.71 -11.22
CA LEU B 51 -19.87 -3.27 -12.43
C LEU B 51 -21.37 -3.57 -12.33
N ASP B 52 -21.73 -4.74 -11.79
CA ASP B 52 -23.17 -5.06 -11.59
C ASP B 52 -23.84 -4.11 -10.60
N LEU B 53 -23.15 -3.82 -9.48
CA LEU B 53 -23.62 -2.88 -8.46
C LEU B 53 -23.80 -1.45 -8.96
N LEU B 54 -22.82 -0.93 -9.71
CA LEU B 54 -22.87 0.43 -10.27
C LEU B 54 -24.11 0.55 -11.22
N SER B 55 -24.32 -0.48 -12.03
CA SER B 55 -25.46 -0.49 -12.96
C SER B 55 -26.83 -0.47 -12.20
N ARG B 56 -26.94 -1.22 -11.12
CA ARG B 56 -28.13 -1.22 -10.25
C ARG B 56 -28.40 0.15 -9.63
N TYR B 57 -27.38 0.98 -9.57
CA TYR B 57 -27.62 2.37 -9.19
C TYR B 57 -27.59 3.37 -10.34
N SER B 58 -27.56 2.90 -11.59
CA SER B 58 -27.31 3.78 -12.75
C SER B 58 -26.18 4.82 -12.47
N ALA B 59 -25.07 4.35 -11.93
CA ALA B 59 -23.91 5.16 -11.66
C ALA B 59 -22.83 4.76 -12.68
N ARG B 60 -22.03 5.74 -13.08
CA ARG B 60 -20.85 5.54 -13.93
C ARG B 60 -19.60 5.83 -13.09
N ALA B 61 -18.54 5.04 -13.25
CA ALA B 61 -17.38 5.25 -12.43
C ALA B 61 -16.16 5.32 -13.37
N THR B 62 -14.96 5.54 -12.80
CA THR B 62 -13.74 5.58 -13.55
C THR B 62 -12.77 4.54 -12.96
N PHE B 63 -12.19 3.72 -13.81
CA PHE B 63 -11.29 2.66 -13.35
C PHE B 63 -9.90 2.97 -13.88
N PHE B 64 -8.95 3.21 -12.95
CA PHE B 64 -7.57 3.41 -13.30
C PHE B 64 -6.86 2.07 -13.20
N VAL B 65 -6.59 1.46 -14.36
CA VAL B 65 -6.22 0.09 -14.42
C VAL B 65 -4.72 -0.04 -14.49
N LEU B 66 -4.25 -1.24 -14.16
CA LEU B 66 -2.83 -1.47 -14.11
C LEU B 66 -2.43 -2.44 -15.18
N GLY B 67 -1.11 -2.50 -15.45
CA GLY B 67 -0.53 -3.25 -16.55
C GLY B 67 -1.02 -4.67 -16.70
N ASP B 68 -0.67 -5.54 -15.74
CA ASP B 68 -1.02 -6.96 -15.93
C ASP B 68 -2.50 -7.29 -15.84
N ALA B 69 -3.17 -6.66 -14.89
CA ALA B 69 -4.62 -6.77 -14.78
C ALA B 69 -5.29 -6.41 -16.09
N ALA B 70 -4.82 -5.35 -16.76
CA ALA B 70 -5.45 -4.88 -17.98
C ALA B 70 -5.24 -5.88 -19.14
N ALA B 71 -4.01 -6.36 -19.30
CA ALA B 71 -3.66 -7.28 -20.41
C ALA B 71 -4.40 -8.62 -20.25
N GLN B 72 -4.61 -9.03 -19.02
CA GLN B 72 -5.36 -10.25 -18.79
C GLN B 72 -6.89 -10.10 -18.87
N ASN B 73 -7.40 -8.85 -18.83
CA ASN B 73 -8.83 -8.58 -18.81
C ASN B 73 -9.39 -7.61 -19.90
N PRO B 74 -9.05 -7.84 -21.17
CA PRO B 74 -9.60 -7.01 -22.26
C PRO B 74 -11.16 -6.95 -22.25
N GLY B 75 -11.85 -8.11 -22.06
CA GLY B 75 -13.32 -8.20 -21.95
C GLY B 75 -13.95 -7.31 -20.87
N LEU B 76 -13.31 -7.25 -19.71
CA LEU B 76 -13.77 -6.40 -18.64
C LEU B 76 -13.50 -4.91 -18.97
N LEU B 77 -12.39 -4.59 -19.60
CA LEU B 77 -12.16 -3.20 -20.11
C LEU B 77 -13.26 -2.84 -21.11
N GLN B 78 -13.57 -3.75 -22.05
CA GLN B 78 -14.64 -3.54 -23.04
C GLN B 78 -15.97 -3.30 -22.34
N ARG B 79 -16.27 -4.18 -21.41
CA ARG B 79 -17.48 -4.05 -20.57
C ARG B 79 -17.54 -2.70 -19.84
N MET B 80 -16.46 -2.24 -19.23
CA MET B 80 -16.48 -0.86 -18.63
C MET B 80 -16.94 0.16 -19.65
N ARG B 81 -16.31 0.16 -20.80
CA ARG B 81 -16.73 1.03 -21.89
C ARG B 81 -18.21 0.85 -22.27
N ASP B 82 -18.60 -0.39 -22.53
CA ASP B 82 -19.97 -0.74 -22.95
C ASP B 82 -21.04 -0.29 -21.99
N GLU B 83 -20.66 -0.17 -20.72
CA GLU B 83 -21.63 0.29 -19.72
C GLU B 83 -21.46 1.77 -19.29
N GLY B 84 -20.68 2.54 -20.05
CA GLY B 84 -20.63 4.00 -19.82
C GLY B 84 -19.70 4.43 -18.70
N HIS B 85 -18.82 3.51 -18.29
CA HIS B 85 -17.71 3.84 -17.37
C HIS B 85 -16.51 4.34 -18.17
N GLN B 86 -15.57 4.96 -17.49
CA GLN B 86 -14.38 5.42 -18.13
C GLN B 86 -13.13 4.60 -17.67
N VAL B 87 -12.34 4.15 -18.66
CA VAL B 87 -11.10 3.45 -18.38
C VAL B 87 -9.96 4.46 -18.39
N GLY B 88 -9.31 4.57 -17.25
CA GLY B 88 -8.18 5.51 -17.05
C GLY B 88 -6.88 4.67 -16.95
N ALA B 89 -5.74 5.33 -17.07
CA ALA B 89 -4.40 4.72 -16.93
C ALA B 89 -3.85 4.85 -15.52
N HIS B 90 -3.21 3.79 -15.01
CA HIS B 90 -2.57 3.83 -13.71
C HIS B 90 -1.10 3.41 -13.70
N THR B 91 -0.47 3.47 -14.87
CA THR B 91 0.87 2.96 -15.16
C THR B 91 0.88 1.44 -15.30
N TYR B 92 1.98 0.91 -15.81
CA TYR B 92 2.04 -0.55 -16.02
C TYR B 92 2.31 -1.25 -14.68
N ASP B 93 3.31 -0.78 -13.95
CA ASP B 93 3.92 -1.56 -12.84
C ASP B 93 3.61 -0.95 -11.47
N HIS B 94 2.92 0.19 -11.44
CA HIS B 94 2.57 0.86 -10.18
C HIS B 94 3.81 1.29 -9.39
N VAL B 95 4.70 2.01 -10.03
CA VAL B 95 5.86 2.57 -9.37
C VAL B 95 5.56 4.08 -9.23
N SER B 96 5.99 4.63 -8.10
CA SER B 96 6.01 6.08 -7.90
C SER B 96 6.79 6.77 -9.04
N LEU B 97 6.08 7.57 -9.81
CA LEU B 97 6.65 8.16 -11.06
C LEU B 97 7.82 9.07 -10.79
N PRO B 98 7.78 9.87 -9.67
CA PRO B 98 8.90 10.72 -9.31
C PRO B 98 10.20 9.97 -9.07
N SER B 99 10.15 8.64 -8.94
CA SER B 99 11.36 7.85 -8.71
C SER B 99 12.04 7.50 -10.01
N LEU B 100 11.44 7.91 -11.13
CA LEU B 100 11.95 7.54 -12.47
C LEU B 100 12.35 8.75 -13.30
N GLY B 101 13.21 8.54 -14.29
CA GLY B 101 13.58 9.56 -15.24
C GLY B 101 12.54 9.76 -16.32
N TYR B 102 12.84 10.63 -17.27
CA TYR B 102 11.91 10.90 -18.37
C TYR B 102 11.42 9.62 -19.08
N ASP B 103 12.39 8.77 -19.44
CA ASP B 103 12.14 7.60 -20.28
C ASP B 103 11.42 6.55 -19.47
N GLY B 104 11.86 6.35 -18.22
CA GLY B 104 11.11 5.48 -17.28
C GLY B 104 9.63 5.87 -17.13
N ILE B 105 9.37 7.17 -16.90
CA ILE B 105 7.98 7.63 -16.70
C ILE B 105 7.17 7.41 -17.98
N ALA B 106 7.75 7.75 -19.14
CA ALA B 106 7.06 7.63 -20.41
C ALA B 106 6.83 6.16 -20.72
N SER B 107 7.78 5.28 -20.36
CA SER B 107 7.60 3.85 -20.58
C SER B 107 6.48 3.21 -19.70
N GLN B 108 6.35 3.68 -18.46
CA GLN B 108 5.23 3.24 -17.59
C GLN B 108 3.88 3.55 -18.28
N MET B 109 3.80 4.64 -19.04
CA MET B 109 2.50 5.01 -19.72
C MET B 109 2.35 4.25 -21.03
N THR B 110 3.39 4.30 -21.85
CA THR B 110 3.29 3.74 -23.17
C THR B 110 3.17 2.25 -23.12
N ARG B 111 3.81 1.59 -22.15
CA ARG B 111 3.57 0.15 -21.98
C ARG B 111 2.14 -0.26 -21.68
N LEU B 112 1.48 0.54 -20.86
CA LEU B 112 0.06 0.31 -20.57
C LEU B 112 -0.79 0.63 -21.80
N GLU B 113 -0.45 1.68 -22.56
CA GLU B 113 -1.25 1.96 -23.76
C GLU B 113 -1.11 0.76 -24.71
N GLU B 114 0.09 0.23 -24.79
CA GLU B 114 0.37 -0.91 -25.69
C GLU B 114 -0.51 -2.13 -25.40
N VAL B 115 -0.85 -2.39 -24.13
CA VAL B 115 -1.75 -3.53 -23.78
C VAL B 115 -3.25 -3.14 -23.78
N ILE B 116 -3.59 -1.84 -23.69
CA ILE B 116 -5.03 -1.44 -23.76
C ILE B 116 -5.57 -1.18 -25.20
N ARG B 117 -4.78 -0.57 -26.08
CA ARG B 117 -5.20 -0.26 -27.46
C ARG B 117 -5.63 -1.49 -28.22
N PRO B 118 -4.91 -2.62 -28.11
CA PRO B 118 -5.37 -3.79 -28.89
C PRO B 118 -6.73 -4.32 -28.40
N ALA B 119 -7.06 -4.11 -27.14
CA ALA B 119 -8.31 -4.53 -26.49
C ALA B 119 -9.48 -3.58 -26.79
N LEU B 120 -9.31 -2.29 -26.61
CA LEU B 120 -10.50 -1.55 -26.98
C LEU B 120 -10.38 -0.54 -28.15
N GLY B 121 -9.24 -0.58 -28.86
CA GLY B 121 -9.05 0.27 -30.04
C GLY B 121 -8.61 1.68 -29.70
N VAL B 122 -8.61 2.04 -28.42
CA VAL B 122 -8.08 3.37 -27.99
C VAL B 122 -7.28 3.15 -26.73
N ALA B 123 -6.52 4.19 -26.32
CA ALA B 123 -5.89 4.19 -25.01
C ALA B 123 -6.43 5.38 -24.17
N PRO B 124 -6.40 5.26 -22.82
CA PRO B 124 -6.87 6.40 -21.93
C PRO B 124 -6.09 7.66 -22.14
N ALA B 125 -6.76 8.81 -22.05
CA ALA B 125 -6.02 10.08 -22.03
C ALA B 125 -6.08 10.70 -20.62
N TYR B 126 -6.62 9.90 -19.67
CA TYR B 126 -6.68 10.34 -18.27
C TYR B 126 -5.84 9.34 -17.47
N MET B 127 -5.07 9.81 -16.50
CA MET B 127 -4.28 8.90 -15.69
C MET B 127 -4.29 9.32 -14.25
N ARG B 128 -3.93 8.40 -13.37
CA ARG B 128 -3.79 8.73 -11.97
C ARG B 128 -2.38 8.25 -11.57
N PRO B 129 -1.58 9.14 -10.99
CA PRO B 129 -0.20 8.71 -10.62
C PRO B 129 -0.27 7.72 -9.38
N PRO B 130 0.45 6.60 -9.46
CA PRO B 130 0.51 5.73 -8.30
C PRO B 130 0.89 6.58 -7.06
N TYR B 131 0.22 6.31 -5.92
CA TYR B 131 0.51 6.95 -4.61
C TYR B 131 0.20 8.42 -4.60
N LEU B 132 -0.43 8.91 -5.67
CA LEU B 132 -0.71 10.32 -5.89
C LEU B 132 0.57 11.19 -5.90
N GLU B 133 1.68 10.63 -6.33
CA GLU B 133 2.99 11.30 -6.19
C GLU B 133 3.36 11.82 -7.56
N THR B 134 3.58 13.14 -7.66
CA THR B 134 4.05 13.79 -8.91
C THR B 134 5.19 14.73 -8.55
N ASN B 135 5.92 15.21 -9.55
CA ASN B 135 6.88 16.26 -9.42
C ASN B 135 6.86 17.00 -10.81
N GLU B 136 7.68 18.04 -11.00
CA GLU B 136 7.66 18.78 -12.30
C GLU B 136 7.91 17.85 -13.51
N LEU B 137 8.90 16.95 -13.40
CA LEU B 137 9.20 16.02 -14.48
C LEU B 137 8.05 15.10 -14.84
N VAL B 138 7.40 14.50 -13.84
CA VAL B 138 6.20 13.65 -14.14
C VAL B 138 5.18 14.52 -14.90
N LEU B 139 4.91 15.75 -14.42
CA LEU B 139 3.81 16.54 -15.06
C LEU B 139 4.22 16.91 -16.47
N GLN B 140 5.53 17.11 -16.63
CA GLN B 140 6.04 17.41 -17.94
C GLN B 140 5.81 16.27 -18.94
N VAL B 141 6.08 15.02 -18.53
CA VAL B 141 5.93 13.83 -19.35
C VAL B 141 4.44 13.55 -19.64
N MET B 142 3.57 13.73 -18.64
CA MET B 142 2.11 13.61 -18.94
C MET B 142 1.61 14.63 -19.96
N ARG B 143 2.09 15.85 -19.85
CA ARG B 143 1.71 16.86 -20.83
C ARG B 143 2.16 16.43 -22.24
N ASP B 144 3.40 15.95 -22.34
CA ASP B 144 3.96 15.52 -23.61
C ASP B 144 3.24 14.33 -24.17
N LEU B 145 2.71 13.47 -23.30
CA LEU B 145 2.04 12.26 -23.78
C LEU B 145 0.51 12.50 -23.87
N ASP B 146 0.07 13.73 -23.65
CA ASP B 146 -1.35 14.10 -23.78
C ASP B 146 -2.20 13.48 -22.64
N TYR B 147 -1.70 13.55 -21.38
CA TYR B 147 -2.43 12.97 -20.24
C TYR B 147 -3.05 13.99 -19.35
N ARG B 148 -4.32 13.79 -19.00
CA ARG B 148 -4.90 14.54 -17.91
C ARG B 148 -4.59 13.86 -16.59
N VAL B 149 -4.21 14.67 -15.58
CA VAL B 149 -3.63 14.07 -14.37
C VAL B 149 -4.60 14.14 -13.20
N ILE B 150 -5.12 12.97 -12.80
CA ILE B 150 -6.23 12.92 -11.81
C ILE B 150 -5.74 12.45 -10.45
N SER B 151 -5.83 13.34 -9.46
CA SER B 151 -5.50 12.97 -8.10
C SER B 151 -6.84 12.73 -7.42
N ALA B 152 -7.11 13.30 -6.28
CA ALA B 152 -8.34 12.92 -5.53
C ALA B 152 -8.64 13.98 -4.48
N SER B 153 -9.92 14.23 -4.19
CA SER B 153 -10.25 15.14 -3.05
C SER B 153 -10.99 14.44 -1.92
N VAL B 154 -11.20 13.12 -2.05
CA VAL B 154 -11.82 12.26 -0.97
C VAL B 154 -10.98 10.98 -0.95
N ASP B 155 -10.12 10.77 0.05
CA ASP B 155 -9.30 9.58 0.04
C ASP B 155 -9.92 8.61 1.07
N THR B 156 -10.45 7.49 0.62
CA THR B 156 -11.16 6.61 1.58
C THR B 156 -10.21 5.77 2.44
N LYS B 157 -8.92 5.72 2.08
CA LYS B 157 -7.95 4.85 2.80
C LYS B 157 -8.49 3.44 2.90
N ASP B 158 -9.25 3.03 1.89
CA ASP B 158 -9.95 1.71 1.93
C ASP B 158 -9.02 0.50 2.03
N TYR B 159 -7.85 0.61 1.41
CA TYR B 159 -6.82 -0.45 1.48
C TYR B 159 -6.31 -0.68 2.92
N GLU B 160 -6.38 0.34 3.78
CA GLU B 160 -5.95 0.23 5.22
C GLU B 160 -7.00 -0.39 6.10
N ASN B 161 -8.20 -0.53 5.54
CA ASN B 161 -9.38 -0.82 6.37
C ASN B 161 -10.16 -2.07 5.94
N GLN B 162 -9.45 -3.11 5.59
CA GLN B 162 -10.07 -4.30 5.05
C GLN B 162 -10.56 -5.19 6.18
N ASP B 163 -11.64 -4.73 6.82
CA ASP B 163 -12.29 -5.41 7.93
C ASP B 163 -13.72 -4.89 7.88
N ALA B 164 -14.68 -5.75 8.23
CA ALA B 164 -16.10 -5.40 8.21
C ALA B 164 -16.40 -4.17 9.04
N ASP B 165 -15.72 -4.02 10.18
CA ASP B 165 -15.88 -2.83 11.02
C ASP B 165 -15.07 -1.61 10.53
N ALA B 166 -13.78 -1.81 10.24
CA ALA B 166 -12.88 -0.72 9.84
C ALA B 166 -13.35 -0.06 8.54
N ILE B 167 -13.94 -0.82 7.63
CA ILE B 167 -14.29 -0.28 6.33
C ILE B 167 -15.43 0.74 6.49
N ILE B 168 -16.22 0.63 7.57
CA ILE B 168 -17.30 1.58 7.82
C ILE B 168 -16.86 2.66 8.77
N ASN B 169 -16.22 2.25 9.90
CA ASN B 169 -15.82 3.18 11.01
C ASN B 169 -14.87 4.20 10.50
N THR B 170 -13.91 3.76 9.66
CA THR B 170 -12.98 4.70 9.08
C THR B 170 -13.20 5.02 7.59
N SER B 171 -13.13 4.05 6.67
CA SER B 171 -13.24 4.39 5.26
C SER B 171 -14.55 5.12 4.89
N PHE B 172 -15.70 4.61 5.34
CA PHE B 172 -16.96 5.36 5.08
C PHE B 172 -16.99 6.73 5.77
N GLN B 173 -16.52 6.79 7.02
CA GLN B 173 -16.48 8.05 7.79
C GLN B 173 -15.62 9.05 7.06
N LEU B 174 -14.42 8.67 6.58
CA LEU B 174 -13.60 9.59 5.75
C LEU B 174 -14.36 10.03 4.50
N PHE B 175 -15.03 9.10 3.84
CA PHE B 175 -15.78 9.47 2.65
C PHE B 175 -16.78 10.61 3.02
N LEU B 176 -17.57 10.39 4.07
CA LEU B 176 -18.57 11.34 4.49
C LEU B 176 -18.00 12.68 4.87
N ASP B 177 -16.92 12.66 5.64
CA ASP B 177 -16.27 13.85 6.15
C ASP B 177 -15.72 14.68 5.01
N GLN B 178 -15.07 14.00 4.05
CA GLN B 178 -14.44 14.74 2.95
C GLN B 178 -15.44 15.19 1.88
N LEU B 179 -16.46 14.40 1.64
CA LEU B 179 -17.60 14.83 0.83
C LEU B 179 -18.23 16.14 1.41
N ASP B 180 -18.48 16.15 2.72
CA ASP B 180 -19.02 17.35 3.37
C ASP B 180 -18.12 18.53 3.30
N ALA B 181 -16.82 18.32 3.26
CA ALA B 181 -15.85 19.41 3.14
C ALA B 181 -15.76 19.85 1.68
N GLY B 182 -16.53 19.23 0.78
CA GLY B 182 -16.51 19.69 -0.63
C GLY B 182 -15.71 18.77 -1.58
N GLY B 183 -15.11 17.70 -1.05
CA GLY B 183 -14.41 16.75 -1.90
C GLY B 183 -15.37 16.07 -2.84
N ASN B 184 -14.93 15.73 -4.07
CA ASN B 184 -15.81 15.05 -5.01
C ASN B 184 -15.14 14.13 -6.03
N ILE B 185 -13.83 13.90 -5.90
CA ILE B 185 -13.14 12.83 -6.67
C ILE B 185 -12.67 11.85 -5.62
N VAL B 186 -13.31 10.68 -5.59
CA VAL B 186 -13.20 9.73 -4.51
C VAL B 186 -12.28 8.59 -4.92
N LEU B 187 -11.29 8.32 -4.08
CA LEU B 187 -10.27 7.32 -4.40
C LEU B 187 -10.60 6.08 -3.57
N ALA B 188 -10.88 4.98 -4.26
CA ALA B 188 -11.01 3.65 -3.64
C ALA B 188 -10.32 2.61 -4.56
N HIS B 189 -10.23 1.38 -4.07
CA HIS B 189 -9.52 0.33 -4.85
C HIS B 189 -10.40 -0.92 -5.08
N ASP B 190 -10.73 -1.20 -6.33
CA ASP B 190 -11.61 -2.33 -6.57
C ASP B 190 -10.85 -3.68 -6.52
N ILE B 191 -9.62 -3.70 -5.99
CA ILE B 191 -8.95 -4.98 -5.84
C ILE B 191 -9.26 -5.59 -4.45
N HIS B 192 -9.98 -4.86 -3.60
CA HIS B 192 -10.22 -5.27 -2.20
C HIS B 192 -11.63 -5.71 -1.95
N TYR B 193 -11.77 -6.84 -1.25
CA TYR B 193 -13.05 -7.47 -0.99
C TYR B 193 -14.03 -6.53 -0.28
N TRP B 194 -13.57 -5.90 0.81
CA TRP B 194 -14.46 -5.02 1.59
C TRP B 194 -14.87 -3.73 0.86
N THR B 195 -14.01 -3.25 -0.05
CA THR B 195 -14.36 -2.10 -0.87
C THR B 195 -15.54 -2.41 -1.71
N VAL B 196 -15.51 -3.54 -2.41
CA VAL B 196 -16.62 -3.88 -3.26
C VAL B 196 -17.83 -4.42 -2.47
N ALA B 197 -17.64 -5.17 -1.40
CA ALA B 197 -18.79 -5.83 -0.73
C ALA B 197 -19.49 -4.91 0.25
N SER B 198 -18.81 -3.89 0.74
CA SER B 198 -19.36 -3.07 1.77
C SER B 198 -19.30 -1.58 1.46
N LEU B 199 -18.11 -1.07 1.14
CA LEU B 199 -17.95 0.37 0.97
C LEU B 199 -18.67 0.92 -0.30
N ALA B 200 -18.57 0.21 -1.42
CA ALA B 200 -19.13 0.74 -2.69
C ALA B 200 -20.63 1.03 -2.57
N GLU B 201 -21.41 0.08 -2.06
CA GLU B 201 -22.87 0.30 -1.92
C GLU B 201 -23.19 1.41 -0.95
N ARG B 202 -22.45 1.46 0.17
CA ARG B 202 -22.63 2.60 1.12
C ARG B 202 -22.41 3.96 0.43
N MET B 203 -21.37 4.02 -0.38
CA MET B 203 -21.12 5.30 -1.06
C MET B 203 -22.22 5.64 -2.04
N LEU B 204 -22.64 4.63 -2.81
CA LEU B 204 -23.69 4.74 -3.83
C LEU B 204 -25.02 5.17 -3.20
N GLN B 205 -25.36 4.58 -2.04
CA GLN B 205 -26.55 5.02 -1.27
C GLN B 205 -26.47 6.49 -0.93
N GLU B 206 -25.29 6.90 -0.52
CA GLU B 206 -25.09 8.25 -0.06
C GLU B 206 -25.23 9.23 -1.21
N VAL B 207 -24.62 8.88 -2.35
CA VAL B 207 -24.81 9.71 -3.55
C VAL B 207 -26.28 9.78 -3.99
N ASN B 208 -26.99 8.64 -4.06
CA ASN B 208 -28.42 8.66 -4.40
C ASN B 208 -29.25 9.42 -3.33
N ALA B 209 -28.94 9.25 -2.05
CA ALA B 209 -29.67 9.98 -0.96
C ALA B 209 -29.49 11.49 -1.14
N ARG B 210 -28.31 11.91 -1.53
CA ARG B 210 -28.05 13.32 -1.69
C ARG B 210 -28.50 13.64 -3.08
N GLY B 211 -28.32 14.86 -3.51
CA GLY B 211 -28.74 15.11 -4.90
C GLY B 211 -27.96 14.42 -6.04
N LEU B 212 -26.89 13.68 -5.74
CA LEU B 212 -25.72 13.65 -6.66
C LEU B 212 -25.71 12.68 -7.84
N ILE B 213 -25.02 13.08 -8.90
CA ILE B 213 -24.90 12.26 -10.10
C ILE B 213 -23.52 11.62 -10.04
N ALA B 214 -23.49 10.30 -9.98
CA ALA B 214 -22.21 9.63 -9.98
C ALA B 214 -21.81 9.35 -11.41
N THR B 215 -20.80 10.09 -11.86
CA THR B 215 -20.42 9.99 -13.25
C THR B 215 -18.92 9.88 -13.41
N THR B 216 -18.41 9.80 -14.63
CA THR B 216 -17.00 9.49 -14.85
C THR B 216 -16.23 10.74 -14.54
N VAL B 217 -14.94 10.59 -14.32
CA VAL B 217 -14.11 11.79 -14.07
C VAL B 217 -14.18 12.72 -15.29
N GLY B 218 -14.08 12.14 -16.50
CA GLY B 218 -14.17 13.01 -17.70
C GLY B 218 -15.48 13.83 -17.72
N ASP B 219 -16.58 13.09 -17.55
CA ASP B 219 -17.92 13.71 -17.54
C ASP B 219 -18.03 14.79 -16.42
N CYS B 220 -17.40 14.56 -15.26
CA CYS B 220 -17.41 15.50 -14.13
C CYS B 220 -16.56 16.74 -14.38
N LEU B 221 -15.67 16.64 -15.36
CA LEU B 221 -14.89 17.78 -15.83
C LEU B 221 -15.40 18.45 -17.12
N GLY B 222 -16.53 17.98 -17.64
CA GLY B 222 -17.11 18.62 -18.82
C GLY B 222 -16.51 18.12 -20.15
N ASP B 223 -15.83 16.98 -20.11
CA ASP B 223 -15.28 16.39 -21.32
C ASP B 223 -16.22 15.31 -21.86
N GLY B 224 -16.54 15.36 -23.16
CA GLY B 224 -17.24 14.28 -23.82
C GLY B 224 -16.38 13.03 -23.94
N GLU B 225 -17.05 11.91 -24.11
CA GLU B 225 -16.43 10.61 -24.07
C GLU B 225 -15.28 10.50 -25.11
N ILE B 226 -15.46 11.17 -26.24
CA ILE B 226 -14.46 11.07 -27.32
C ILE B 226 -13.10 11.58 -26.77
N ALA B 227 -13.19 12.56 -25.87
CA ALA B 227 -11.99 13.17 -25.28
C ALA B 227 -11.39 12.39 -24.10
N TRP B 228 -12.01 11.29 -23.67
CA TRP B 228 -11.37 10.48 -22.60
C TRP B 228 -10.25 9.57 -23.11
N TYR B 229 -10.13 9.45 -24.44
CA TYR B 229 -9.21 8.49 -25.03
C TYR B 229 -8.40 9.22 -26.12
N HIS B 230 -7.27 8.62 -26.54
CA HIS B 230 -6.44 9.20 -27.63
C HIS B 230 -5.63 8.16 -28.41
#